data_7BM4
#
_entry.id   7BM4
#
_cell.length_a   102.896
_cell.length_b   102.896
_cell.length_c   132.225
_cell.angle_alpha   90.000
_cell.angle_beta   90.000
_cell.angle_gamma   120.000
#
_symmetry.space_group_name_H-M   'P 32 2 1'
#
loop_
_entity.id
_entity.type
_entity.pdbx_description
1 polymer 'Carbonic anhydrase'
2 non-polymer GLYCEROL
3 non-polymer 2-acetamido-2-deoxy-beta-D-glucopyranose
4 non-polymer 'ZINC ION'
5 non-polymer 1-(4-fluorophenyl)-3-(4-sulfamoylphenyl)selenourea
6 water water
#
_entity_poly.entity_id   1
_entity_poly.type   'polypeptide(L)'
_entity_poly.pdbx_seq_one_letter_code
;METDTLLLWVLLLWVPGSTGDAAQPARRANGSEWSYTNILTGPETWHEHYKNMCSGYYQSPIDLKTDISTLDLKLKTVII
YRNTSSTETTTIQNNGHSAEVKFPRNTWFISFDGILDYKYEIIQMHFHWGNTDDRGSEHTIDGFRFPLEGHIVSFRRQMY
SSPSEAIGRPGGLAVLGIMHQIVESIKYEQTAFKAYNNFSGVLNSQFVPPNNSTIDDINLALLLSLLNPSRYFRYLGSLT
TPPCTENVLWTVFIDPVLITREQINLFRNLPYGSNEKQTRMGDNFRPIQLLNPIDTLASRTLYRATARGGPEQKLISEED
LNSAVDHHHHHH
;
_entity_poly.pdbx_strand_id   A,B
#
# COMPACT_ATOMS: atom_id res chain seq x y z
N GLU A 33 -30.15 -8.42 24.09
CA GLU A 33 -29.23 -7.33 23.68
C GLU A 33 -27.80 -7.82 23.74
N TRP A 34 -26.89 -7.02 23.12
CA TRP A 34 -25.52 -7.50 23.03
C TRP A 34 -24.57 -6.31 23.27
N SER A 35 -23.34 -6.68 23.55
CA SER A 35 -22.27 -5.70 23.76
C SER A 35 -20.92 -6.33 23.44
N TYR A 36 -19.90 -5.48 23.44
CA TYR A 36 -18.55 -5.98 23.48
C TYR A 36 -17.96 -6.12 24.89
N THR A 37 -18.31 -5.19 25.80
CA THR A 37 -17.53 -5.06 27.02
C THR A 37 -18.32 -5.41 28.28
N ASN A 38 -19.61 -5.74 28.17
CA ASN A 38 -20.31 -6.23 29.36
C ASN A 38 -20.31 -7.75 29.32
N ILE A 39 -19.67 -8.40 30.32
CA ILE A 39 -19.45 -9.83 30.36
C ILE A 39 -20.77 -10.58 30.18
N LEU A 40 -21.88 -9.97 30.59
CA LEU A 40 -23.17 -10.65 30.60
C LEU A 40 -23.79 -10.74 29.21
N THR A 41 -23.38 -9.84 28.29
CA THR A 41 -23.97 -9.78 26.95
C THR A 41 -22.88 -9.76 25.87
N GLY A 42 -21.65 -9.99 26.31
CA GLY A 42 -20.44 -9.87 25.49
C GLY A 42 -20.24 -11.03 24.51
N PRO A 43 -19.19 -10.99 23.67
CA PRO A 43 -19.02 -11.99 22.61
C PRO A 43 -19.04 -13.47 23.00
N GLU A 44 -18.63 -13.82 24.24
CA GLU A 44 -18.64 -15.23 24.64
C GLU A 44 -20.06 -15.76 24.83
N THR A 45 -21.03 -14.87 24.93
CA THR A 45 -22.41 -15.24 25.18
C THR A 45 -23.21 -15.30 23.88
N TRP A 46 -22.63 -14.83 22.75
CA TRP A 46 -23.48 -14.67 21.58
C TRP A 46 -23.97 -16.01 21.03
N HIS A 47 -23.17 -17.07 21.17
CA HIS A 47 -23.56 -18.38 20.66
C HIS A 47 -24.83 -18.87 21.36
N GLU A 48 -25.14 -18.35 22.57
CA GLU A 48 -26.32 -18.77 23.31
C GLU A 48 -27.46 -17.79 23.09
N HIS A 49 -27.19 -16.48 23.10
CA HIS A 49 -28.25 -15.52 22.97
C HIS A 49 -28.74 -15.41 21.53
N TYR A 50 -27.89 -15.79 20.56
CA TYR A 50 -28.20 -15.67 19.14
C TYR A 50 -27.77 -16.95 18.43
N LYS A 51 -28.39 -18.08 18.80
CA LYS A 51 -27.95 -19.37 18.25
C LYS A 51 -27.94 -19.30 16.71
N ASN A 52 -29.00 -18.71 16.15
CA ASN A 52 -29.10 -18.44 14.73
C ASN A 52 -28.55 -17.03 14.49
N MET A 53 -27.27 -16.91 14.09
CA MET A 53 -26.37 -17.96 13.63
C MET A 53 -25.03 -17.86 14.35
N CYS A 54 -24.98 -17.18 15.51
CA CYS A 54 -23.68 -17.05 16.15
C CYS A 54 -23.12 -18.37 16.69
N SER A 55 -23.96 -19.44 16.74
CA SER A 55 -23.48 -20.78 17.08
C SER A 55 -23.00 -21.60 15.88
N GLY A 56 -22.88 -20.98 14.69
CA GLY A 56 -22.52 -21.76 13.51
C GLY A 56 -21.04 -22.06 13.34
N TYR A 57 -20.72 -22.77 12.25
CA TYR A 57 -19.35 -23.22 12.02
C TYR A 57 -18.69 -22.44 10.87
N TYR A 58 -19.38 -21.41 10.33
CA TYR A 58 -18.75 -20.59 9.28
C TYR A 58 -18.69 -19.14 9.78
N GLN A 59 -18.13 -18.96 10.98
CA GLN A 59 -18.15 -17.62 11.59
C GLN A 59 -16.90 -16.80 11.21
N SER A 60 -17.04 -15.48 11.41
CA SER A 60 -15.94 -14.52 11.19
C SER A 60 -15.83 -13.67 12.44
N PRO A 61 -14.67 -13.04 12.73
CA PRO A 61 -13.46 -13.09 11.91
C PRO A 61 -12.63 -14.35 12.15
N ILE A 62 -11.62 -14.58 11.32
CA ILE A 62 -10.69 -15.69 11.48
C ILE A 62 -9.27 -15.16 11.42
N ASP A 63 -8.31 -16.00 11.81
CA ASP A 63 -6.92 -15.68 11.53
C ASP A 63 -6.60 -16.05 10.10
N LEU A 64 -6.12 -15.05 9.36
CA LEU A 64 -5.83 -15.24 7.94
C LEU A 64 -4.38 -15.72 7.83
N LYS A 65 -4.24 -17.03 7.59
CA LYS A 65 -2.95 -17.71 7.65
C LYS A 65 -2.40 -17.89 6.25
N THR A 66 -1.30 -17.17 5.98
CA THR A 66 -0.80 -17.16 4.61
C THR A 66 -0.38 -18.56 4.19
N ASP A 67 0.32 -19.25 5.11
CA ASP A 67 0.85 -20.59 4.81
C ASP A 67 -0.28 -21.60 4.61
N ILE A 68 -1.41 -21.45 5.30
CA ILE A 68 -2.43 -22.50 5.23
C ILE A 68 -3.35 -22.30 4.01
N SER A 69 -3.40 -21.10 3.46
CA SER A 69 -4.38 -20.70 2.46
C SER A 69 -4.01 -21.16 1.05
N THR A 70 -5.04 -21.23 0.19
CA THR A 70 -4.89 -21.71 -1.16
C THR A 70 -4.86 -20.54 -2.13
N LEU A 71 -3.74 -20.40 -2.84
CA LEU A 71 -3.67 -19.35 -3.86
C LEU A 71 -4.59 -19.69 -5.01
N ASP A 72 -5.48 -18.78 -5.38
CA ASP A 72 -6.40 -18.99 -6.47
C ASP A 72 -6.16 -17.88 -7.48
N LEU A 73 -5.44 -18.24 -8.56
CA LEU A 73 -5.06 -17.21 -9.54
C LEU A 73 -6.25 -16.67 -10.32
N LYS A 74 -7.44 -17.30 -10.23
CA LYS A 74 -8.64 -16.83 -10.89
C LYS A 74 -9.30 -15.61 -10.22
N LEU A 75 -8.89 -15.29 -8.98
CA LEU A 75 -9.57 -14.22 -8.24
C LEU A 75 -8.98 -12.87 -8.67
N LYS A 76 -9.83 -11.99 -9.20
CA LYS A 76 -9.34 -10.82 -9.96
C LYS A 76 -9.19 -9.62 -9.03
N THR A 77 -8.63 -8.54 -9.60
CA THR A 77 -8.48 -7.29 -8.85
C THR A 77 -9.85 -6.75 -8.45
N VAL A 78 -10.00 -6.21 -7.23
CA VAL A 78 -11.25 -5.62 -6.85
C VAL A 78 -11.30 -4.16 -7.34
N ILE A 79 -12.47 -3.74 -7.80
CA ILE A 79 -12.71 -2.37 -8.27
C ILE A 79 -13.88 -1.77 -7.49
N ILE A 80 -13.71 -0.52 -7.00
CA ILE A 80 -14.83 0.16 -6.38
C ILE A 80 -15.14 1.36 -7.28
N TYR A 81 -16.40 1.61 -7.52
CA TYR A 81 -16.73 2.63 -8.53
C TYR A 81 -18.03 3.30 -8.14
N ARG A 82 -18.22 4.53 -8.67
CA ARG A 82 -19.34 5.35 -8.24
C ARG A 82 -20.26 5.65 -9.42
N ASN A 83 -21.57 5.75 -9.12
CA ASN A 83 -22.58 6.28 -10.05
C ASN A 83 -22.41 7.80 -10.01
N THR A 84 -21.88 8.37 -11.09
CA THR A 84 -21.64 9.81 -11.11
C THR A 84 -22.95 10.63 -11.22
N SER A 85 -24.09 10.02 -11.51
CA SER A 85 -25.39 10.72 -11.48
C SER A 85 -25.94 10.88 -10.07
N SER A 86 -25.40 10.15 -9.08
CA SER A 86 -26.06 10.18 -7.79
C SER A 86 -25.68 11.47 -7.05
N THR A 87 -26.65 12.09 -6.36
CA THR A 87 -26.35 13.35 -5.67
C THR A 87 -26.78 13.32 -4.20
N GLU A 88 -27.37 12.21 -3.73
CA GLU A 88 -27.87 12.18 -2.35
C GLU A 88 -26.70 12.19 -1.35
N THR A 89 -27.05 12.56 -0.13
CA THR A 89 -26.08 12.83 0.91
C THR A 89 -25.64 11.50 1.54
N THR A 90 -24.40 11.49 2.03
CA THR A 90 -23.89 10.45 2.92
C THR A 90 -24.05 10.89 4.37
N THR A 91 -24.30 9.96 5.29
CA THR A 91 -24.42 10.29 6.70
C THR A 91 -23.55 9.35 7.51
N ILE A 92 -23.31 9.68 8.78
CA ILE A 92 -22.59 8.82 9.68
C ILE A 92 -23.34 8.84 11.01
N GLN A 93 -23.34 7.70 11.69
CA GLN A 93 -24.01 7.59 12.96
C GLN A 93 -23.09 6.94 13.98
N ASN A 94 -23.14 7.40 15.25
CA ASN A 94 -22.64 6.60 16.33
C ASN A 94 -23.78 5.68 16.76
N ASN A 95 -23.70 4.39 16.35
CA ASN A 95 -24.79 3.49 16.67
C ASN A 95 -24.61 2.80 18.02
N GLY A 96 -23.62 3.25 18.82
CA GLY A 96 -23.43 2.67 20.14
C GLY A 96 -22.36 1.59 20.19
N HIS A 97 -22.05 1.00 19.01
CA HIS A 97 -21.02 -0.03 18.91
C HIS A 97 -19.94 0.35 17.89
N SER A 98 -20.19 1.24 16.93
CA SER A 98 -19.21 1.66 15.95
C SER A 98 -19.57 3.03 15.43
N ALA A 99 -18.71 3.62 14.60
CA ALA A 99 -19.06 4.75 13.77
C ALA A 99 -19.42 4.16 12.39
N GLU A 100 -20.67 4.37 11.94
CA GLU A 100 -21.15 3.72 10.72
C GLU A 100 -21.57 4.77 9.71
N VAL A 101 -20.84 4.77 8.58
CA VAL A 101 -21.15 5.62 7.44
C VAL A 101 -22.25 4.93 6.64
N LYS A 102 -23.37 5.60 6.41
CA LYS A 102 -24.48 5.06 5.61
C LYS A 102 -24.47 5.75 4.26
N PHE A 103 -24.28 4.97 3.19
CA PHE A 103 -24.23 5.55 1.86
C PHE A 103 -25.63 5.55 1.27
N PRO A 104 -25.93 6.51 0.38
CA PRO A 104 -27.23 6.50 -0.29
C PRO A 104 -27.29 5.29 -1.23
N ARG A 105 -28.51 4.87 -1.52
CA ARG A 105 -28.68 3.79 -2.49
C ARG A 105 -28.11 4.15 -3.85
N ASN A 106 -27.78 3.11 -4.62
CA ASN A 106 -27.48 3.25 -6.05
C ASN A 106 -26.28 4.16 -6.31
N THR A 107 -25.30 4.18 -5.39
CA THR A 107 -24.26 5.21 -5.51
C THR A 107 -22.88 4.58 -5.64
N TRP A 108 -22.50 3.68 -4.69
CA TRP A 108 -21.17 3.08 -4.75
C TRP A 108 -21.33 1.56 -4.94
N PHE A 109 -20.38 1.02 -5.71
CA PHE A 109 -20.45 -0.37 -6.16
C PHE A 109 -19.09 -1.03 -6.06
N ILE A 110 -19.13 -2.39 -6.04
CA ILE A 110 -17.95 -3.22 -6.12
C ILE A 110 -18.08 -4.11 -7.36
N SER A 111 -16.98 -4.22 -8.07
CA SER A 111 -16.89 -5.27 -9.11
C SER A 111 -15.74 -6.20 -8.74
N PHE A 112 -16.02 -7.51 -8.83
CA PHE A 112 -15.00 -8.53 -8.69
C PHE A 112 -14.62 -9.15 -10.03
N ASP A 113 -15.25 -8.70 -11.13
CA ASP A 113 -15.00 -9.40 -12.39
C ASP A 113 -14.57 -8.46 -13.50
N GLY A 114 -14.29 -7.19 -13.15
CA GLY A 114 -13.81 -6.24 -14.14
C GLY A 114 -14.96 -5.54 -14.89
N ILE A 115 -16.20 -6.02 -14.78
CA ILE A 115 -17.33 -5.40 -15.44
C ILE A 115 -18.02 -4.42 -14.51
N LEU A 116 -18.45 -3.25 -15.04
CA LEU A 116 -19.01 -2.23 -14.15
C LEU A 116 -20.53 -2.25 -14.25
N ASP A 117 -21.15 -3.39 -13.92
CA ASP A 117 -22.57 -3.60 -14.16
C ASP A 117 -23.38 -3.77 -12.89
N TYR A 118 -22.87 -3.23 -11.76
CA TYR A 118 -23.68 -3.03 -10.55
C TYR A 118 -24.07 -4.36 -9.89
N LYS A 119 -23.14 -5.33 -9.89
CA LYS A 119 -23.49 -6.62 -9.28
C LYS A 119 -23.50 -6.53 -7.74
N TYR A 120 -22.65 -5.69 -7.19
CA TYR A 120 -22.58 -5.50 -5.73
C TYR A 120 -22.76 -4.03 -5.42
N GLU A 121 -23.70 -3.71 -4.54
CA GLU A 121 -23.96 -2.30 -4.22
C GLU A 121 -23.62 -2.06 -2.74
N ILE A 122 -22.78 -1.05 -2.49
CA ILE A 122 -22.32 -0.73 -1.13
C ILE A 122 -23.43 -0.03 -0.36
N ILE A 123 -23.57 -0.43 0.91
CA ILE A 123 -24.62 0.02 1.81
C ILE A 123 -24.00 0.94 2.87
N GLN A 124 -22.92 0.48 3.52
CA GLN A 124 -22.39 1.23 4.67
C GLN A 124 -20.94 0.83 4.90
N MET A 125 -20.22 1.65 5.66
CA MET A 125 -18.87 1.29 6.07
C MET A 125 -18.76 1.59 7.57
N HIS A 126 -18.20 0.65 8.31
CA HIS A 126 -17.99 0.96 9.72
C HIS A 126 -16.63 0.44 10.15
N PHE A 127 -16.32 0.63 11.44
CA PHE A 127 -14.96 0.43 11.86
C PHE A 127 -14.88 -0.31 13.20
N HIS A 128 -13.75 -0.99 13.36
CA HIS A 128 -13.42 -1.72 14.60
C HIS A 128 -12.01 -1.31 15.00
N TRP A 129 -11.81 -0.99 16.30
CA TRP A 129 -10.53 -0.48 16.75
C TRP A 129 -10.29 -0.83 18.22
N GLY A 130 -9.09 -0.49 18.71
CA GLY A 130 -8.61 -0.98 19.99
C GLY A 130 -8.51 0.18 21.00
N ASN A 131 -8.43 -0.18 22.28
CA ASN A 131 -8.13 0.83 23.30
C ASN A 131 -6.67 1.27 23.18
N THR A 132 -5.83 0.41 22.61
CA THR A 132 -4.41 0.66 22.42
C THR A 132 -4.02 0.31 20.98
N ASP A 133 -2.85 0.80 20.54
CA ASP A 133 -2.49 0.75 19.13
C ASP A 133 -2.12 -0.68 18.67
N ASP A 134 -1.92 -1.61 19.60
CA ASP A 134 -1.48 -2.94 19.18
C ASP A 134 -2.64 -3.91 19.00
N ARG A 135 -3.89 -3.41 19.05
CA ARG A 135 -5.04 -4.26 18.80
C ARG A 135 -6.16 -3.40 18.19
N GLY A 136 -7.22 -4.08 17.71
CA GLY A 136 -8.40 -3.37 17.23
C GLY A 136 -9.06 -4.11 16.07
N SER A 137 -8.22 -4.69 15.20
CA SER A 137 -8.80 -5.37 14.03
C SER A 137 -9.57 -6.62 14.48
N GLU A 138 -10.50 -7.04 13.60
CA GLU A 138 -11.23 -8.28 13.85
C GLU A 138 -10.47 -9.46 13.28
N HIS A 139 -10.17 -9.41 11.97
CA HIS A 139 -9.24 -10.38 11.42
C HIS A 139 -7.83 -10.13 11.92
N THR A 140 -7.03 -11.18 11.93
CA THR A 140 -5.59 -11.10 12.10
C THR A 140 -4.96 -11.64 10.82
N ILE A 141 -3.70 -11.24 10.55
CA ILE A 141 -2.99 -11.83 9.44
C ILE A 141 -1.76 -12.49 10.06
N ASP A 142 -1.71 -13.82 9.96
CA ASP A 142 -0.65 -14.61 10.59
C ASP A 142 -0.51 -14.20 12.05
N GLY A 143 -1.66 -14.03 12.71
CA GLY A 143 -1.68 -13.75 14.13
C GLY A 143 -1.53 -12.29 14.52
N PHE A 144 -1.31 -11.42 13.54
CA PHE A 144 -1.02 -10.01 13.79
C PHE A 144 -2.29 -9.19 13.77
N ARG A 145 -2.49 -8.35 14.80
CA ARG A 145 -3.62 -7.44 14.90
C ARG A 145 -3.21 -6.04 14.45
N PHE A 146 -4.09 -5.40 13.67
CA PHE A 146 -3.91 -4.00 13.27
C PHE A 146 -4.70 -3.07 14.18
N PRO A 147 -4.42 -1.75 14.24
CA PRO A 147 -5.15 -0.86 15.14
C PRO A 147 -6.60 -0.58 14.74
N LEU A 148 -6.92 -0.74 13.44
CA LEU A 148 -8.21 -0.32 12.94
C LEU A 148 -8.54 -1.12 11.67
N GLU A 149 -9.70 -1.76 11.68
CA GLU A 149 -10.16 -2.53 10.51
C GLU A 149 -11.46 -1.89 10.07
N GLY A 150 -11.53 -1.50 8.78
CA GLY A 150 -12.77 -0.92 8.26
C GLY A 150 -13.51 -1.99 7.44
N HIS A 151 -14.84 -1.96 7.47
CA HIS A 151 -15.65 -2.96 6.77
C HIS A 151 -16.56 -2.23 5.80
N ILE A 152 -16.38 -2.50 4.49
CA ILE A 152 -17.26 -1.89 3.49
C ILE A 152 -18.30 -2.96 3.14
N VAL A 153 -19.56 -2.69 3.49
CA VAL A 153 -20.57 -3.75 3.40
C VAL A 153 -21.40 -3.52 2.13
N SER A 154 -21.58 -4.59 1.33
CA SER A 154 -22.36 -4.49 0.08
C SER A 154 -23.34 -5.67 0.00
N PHE A 155 -24.35 -5.50 -0.86
CA PHE A 155 -25.26 -6.63 -1.11
C PHE A 155 -25.18 -7.01 -2.58
N ARG A 156 -25.50 -8.31 -2.83
CA ARG A 156 -25.44 -8.89 -4.17
C ARG A 156 -26.70 -8.49 -4.93
N ARG A 157 -26.63 -7.26 -5.47
CA ARG A 157 -27.72 -6.66 -6.23
C ARG A 157 -28.00 -7.50 -7.48
N GLN A 158 -26.98 -8.23 -7.96
CA GLN A 158 -27.12 -9.16 -9.08
C GLN A 158 -28.31 -10.10 -8.80
N MET A 159 -28.55 -10.46 -7.53
CA MET A 159 -29.63 -11.37 -7.17
C MET A 159 -30.76 -10.70 -6.40
N TYR A 160 -30.45 -9.74 -5.51
CA TYR A 160 -31.43 -9.25 -4.55
C TYR A 160 -31.68 -7.77 -4.82
N SER A 161 -32.94 -7.34 -4.70
CA SER A 161 -33.35 -6.01 -5.15
CA SER A 161 -33.33 -6.01 -5.16
C SER A 161 -32.99 -4.93 -4.15
N SER A 162 -32.82 -5.26 -2.87
CA SER A 162 -32.57 -4.21 -1.89
C SER A 162 -31.71 -4.74 -0.77
N PRO A 163 -31.05 -3.86 0.00
CA PRO A 163 -30.31 -4.28 1.18
C PRO A 163 -31.18 -5.07 2.16
N SER A 164 -32.43 -4.64 2.40
CA SER A 164 -33.25 -5.34 3.39
C SER A 164 -33.63 -6.75 2.93
N GLU A 165 -33.78 -6.95 1.62
CA GLU A 165 -33.99 -8.30 1.10
C GLU A 165 -32.73 -9.16 1.24
N ALA A 166 -31.56 -8.57 1.03
CA ALA A 166 -30.33 -9.37 1.01
C ALA A 166 -29.82 -9.75 2.40
N ILE A 167 -30.02 -8.87 3.39
CA ILE A 167 -29.23 -8.94 4.62
C ILE A 167 -29.50 -10.24 5.38
N GLY A 168 -30.71 -10.82 5.23
CA GLY A 168 -30.99 -12.07 5.94
C GLY A 168 -31.07 -13.32 5.04
N ARG A 169 -30.63 -13.21 3.78
CA ARG A 169 -30.87 -14.28 2.81
C ARG A 169 -29.54 -14.90 2.41
N PRO A 170 -29.56 -16.16 1.92
CA PRO A 170 -28.31 -16.82 1.55
C PRO A 170 -27.54 -16.06 0.49
N GLY A 171 -26.22 -15.98 0.71
CA GLY A 171 -25.34 -15.34 -0.24
C GLY A 171 -25.64 -13.86 -0.51
N GLY A 172 -26.31 -13.21 0.48
CA GLY A 172 -26.75 -11.85 0.20
C GLY A 172 -25.64 -10.80 0.24
N LEU A 173 -24.54 -11.04 0.97
CA LEU A 173 -23.66 -9.90 1.29
C LEU A 173 -22.22 -10.18 0.86
N ALA A 174 -21.46 -9.10 0.60
CA ALA A 174 -20.01 -9.21 0.43
C ALA A 174 -19.41 -8.02 1.19
N VAL A 175 -18.41 -8.33 2.02
CA VAL A 175 -17.78 -7.28 2.85
C VAL A 175 -16.30 -7.21 2.48
N LEU A 176 -15.77 -5.97 2.37
CA LEU A 176 -14.35 -5.76 2.18
C LEU A 176 -13.75 -5.34 3.53
N GLY A 177 -12.65 -5.99 3.91
CA GLY A 177 -11.93 -5.55 5.10
C GLY A 177 -10.65 -4.82 4.70
N ILE A 178 -10.53 -3.60 5.27
CA ILE A 178 -9.39 -2.72 5.04
C ILE A 178 -8.65 -2.53 6.36
N MET A 179 -7.41 -3.04 6.38
CA MET A 179 -6.53 -2.86 7.55
C MET A 179 -5.91 -1.47 7.48
N HIS A 180 -5.72 -0.85 8.66
CA HIS A 180 -5.04 0.45 8.72
C HIS A 180 -3.86 0.28 9.66
N GLN A 181 -2.74 0.97 9.37
CA GLN A 181 -1.59 0.90 10.27
C GLN A 181 -1.07 2.33 10.50
N ILE A 182 -0.55 2.56 11.70
CA ILE A 182 -0.13 3.88 12.14
C ILE A 182 1.30 4.13 11.70
N VAL A 183 1.52 5.35 11.15
CA VAL A 183 2.85 5.82 10.78
C VAL A 183 3.04 7.17 11.47
N GLU A 184 4.31 7.47 11.81
CA GLU A 184 4.61 8.72 12.52
C GLU A 184 4.81 9.89 11.54
N SER A 185 5.34 9.62 10.35
CA SER A 185 5.68 10.64 9.35
C SER A 185 4.86 10.44 8.08
N ILE A 186 3.88 11.34 7.84
CA ILE A 186 3.03 11.24 6.67
C ILE A 186 2.25 12.53 6.49
N LYS A 187 2.05 12.94 5.22
CA LYS A 187 1.16 14.07 4.93
C LYS A 187 -0.27 13.57 5.00
N TYR A 188 -1.17 14.42 5.51
CA TYR A 188 -2.61 14.17 5.55
C TYR A 188 -3.07 13.55 4.23
N GLU A 189 -2.63 14.11 3.08
CA GLU A 189 -3.17 13.71 1.79
C GLU A 189 -2.86 12.26 1.45
N GLN A 190 -1.87 11.67 2.12
CA GLN A 190 -1.53 10.28 1.82
C GLN A 190 -2.11 9.29 2.85
N THR A 191 -2.88 9.82 3.82
CA THR A 191 -3.53 8.95 4.81
C THR A 191 -4.93 8.56 4.33
N ALA A 192 -5.48 7.50 4.94
CA ALA A 192 -6.84 7.11 4.62
C ALA A 192 -7.82 8.25 4.92
N PHE A 193 -7.44 9.18 5.83
CA PHE A 193 -8.38 10.24 6.19
C PHE A 193 -8.60 11.26 5.08
N LYS A 194 -7.73 11.30 4.07
CA LYS A 194 -8.05 12.07 2.88
C LYS A 194 -9.24 11.47 2.14
N ALA A 195 -9.24 10.13 1.94
CA ALA A 195 -10.42 9.51 1.33
C ALA A 195 -11.68 9.69 2.17
N TYR A 196 -11.53 9.69 3.49
CA TYR A 196 -12.68 9.80 4.38
C TYR A 196 -13.11 11.26 4.55
N ASN A 197 -12.31 12.19 3.99
CA ASN A 197 -12.52 13.64 4.22
C ASN A 197 -12.65 13.96 5.70
N ASN A 198 -11.86 13.30 6.54
CA ASN A 198 -11.85 13.44 8.02
C ASN A 198 -13.24 13.20 8.62
N PHE A 199 -14.12 12.52 7.91
CA PHE A 199 -15.50 12.29 8.36
C PHE A 199 -16.14 13.62 8.78
N SER A 200 -15.71 14.69 8.11
CA SER A 200 -16.21 16.06 8.30
C SER A 200 -16.12 16.44 9.78
N GLY A 201 -15.09 15.94 10.47
CA GLY A 201 -14.84 16.31 11.86
C GLY A 201 -15.82 15.76 12.91
N VAL A 202 -16.62 14.74 12.57
CA VAL A 202 -17.64 14.27 13.48
CA VAL A 202 -17.66 14.17 13.41
C VAL A 202 -17.07 13.34 14.57
N LEU A 203 -15.83 12.84 14.43
CA LEU A 203 -15.29 11.94 15.45
C LEU A 203 -14.76 12.77 16.63
N ASN A 204 -15.62 12.91 17.64
CA ASN A 204 -15.24 13.69 18.82
C ASN A 204 -16.12 13.23 19.98
N SER A 205 -15.80 13.74 21.21
CA SER A 205 -16.47 13.22 22.38
C SER A 205 -17.95 13.60 22.42
N GLN A 206 -18.38 14.60 21.62
CA GLN A 206 -19.77 15.02 21.63
C GLN A 206 -20.64 14.22 20.66
N PHE A 207 -20.03 13.30 19.91
CA PHE A 207 -20.80 12.54 18.92
C PHE A 207 -21.40 11.32 19.61
N VAL A 208 -22.49 11.57 20.38
CA VAL A 208 -23.07 10.59 21.27
C VAL A 208 -24.06 9.71 20.49
N PRO A 209 -24.26 8.45 20.90
CA PRO A 209 -25.24 7.56 20.25
C PRO A 209 -26.62 8.11 20.61
N PRO A 210 -27.62 8.07 19.72
CA PRO A 210 -27.48 7.49 18.38
C PRO A 210 -27.47 8.61 17.35
N ASN A 211 -26.70 9.67 17.64
CA ASN A 211 -26.61 10.83 16.75
C ASN A 211 -26.12 10.42 15.37
N ASN A 212 -26.66 11.09 14.37
CA ASN A 212 -26.12 10.97 13.03
C ASN A 212 -25.96 12.38 12.47
N SER A 213 -25.03 12.51 11.51
CA SER A 213 -24.74 13.77 10.86
CA SER A 213 -24.74 13.76 10.85
C SER A 213 -24.55 13.54 9.36
N THR A 214 -24.91 14.53 8.58
CA THR A 214 -24.54 14.54 7.18
C THR A 214 -23.05 14.81 7.11
N ILE A 215 -22.34 14.12 6.19
CA ILE A 215 -20.90 14.31 6.05
C ILE A 215 -20.61 14.40 4.55
N ASP A 216 -19.40 14.84 4.22
CA ASP A 216 -18.97 14.86 2.83
C ASP A 216 -18.88 13.39 2.38
N ASP A 217 -19.10 13.10 1.09
CA ASP A 217 -18.97 11.70 0.65
C ASP A 217 -17.56 11.18 0.88
N ILE A 218 -17.45 9.85 1.05
CA ILE A 218 -16.19 9.16 1.23
C ILE A 218 -15.73 8.73 -0.17
N ASN A 219 -14.51 9.06 -0.53
CA ASN A 219 -14.05 8.62 -1.83
C ASN A 219 -13.48 7.21 -1.68
N LEU A 220 -14.37 6.22 -1.80
CA LEU A 220 -13.93 4.84 -1.61
C LEU A 220 -12.98 4.35 -2.70
N ALA A 221 -13.03 4.92 -3.92
CA ALA A 221 -12.06 4.59 -4.94
C ALA A 221 -10.63 5.01 -4.55
N LEU A 222 -10.52 6.24 -4.03
CA LEU A 222 -9.22 6.66 -3.53
C LEU A 222 -8.74 5.77 -2.38
N LEU A 223 -9.66 5.42 -1.45
CA LEU A 223 -9.28 4.55 -0.34
C LEU A 223 -8.68 3.24 -0.84
N LEU A 224 -9.36 2.61 -1.80
CA LEU A 224 -8.87 1.36 -2.31
C LEU A 224 -7.52 1.52 -3.00
N SER A 225 -7.26 2.68 -3.64
CA SER A 225 -6.01 2.87 -4.34
C SER A 225 -4.81 3.00 -3.38
N LEU A 226 -5.10 3.20 -2.06
CA LEU A 226 -4.00 3.33 -1.11
C LEU A 226 -3.38 1.98 -0.74
N LEU A 227 -3.99 0.87 -1.20
CA LEU A 227 -3.43 -0.46 -0.98
C LEU A 227 -3.37 -1.20 -2.32
N ASN A 228 -2.91 -2.47 -2.31
CA ASN A 228 -2.93 -3.26 -3.56
C ASN A 228 -4.27 -4.01 -3.67
N PRO A 229 -5.18 -3.64 -4.58
CA PRO A 229 -6.51 -4.25 -4.62
C PRO A 229 -6.50 -5.66 -5.24
N SER A 230 -5.31 -6.19 -5.58
CA SER A 230 -5.26 -7.53 -6.15
C SER A 230 -4.82 -8.52 -5.08
N ARG A 231 -4.37 -8.04 -3.89
CA ARG A 231 -3.68 -8.90 -2.95
C ARG A 231 -4.56 -9.07 -1.70
N TYR A 232 -5.28 -10.21 -1.59
CA TYR A 232 -6.29 -10.26 -0.53
C TYR A 232 -6.56 -11.72 -0.17
N PHE A 233 -7.14 -11.90 1.01
CA PHE A 233 -7.68 -13.20 1.40
C PHE A 233 -9.16 -13.20 1.04
N ARG A 234 -9.70 -14.39 0.78
CA ARG A 234 -11.08 -14.57 0.35
C ARG A 234 -11.63 -15.84 1.00
N TYR A 235 -12.77 -15.71 1.66
CA TYR A 235 -13.42 -16.90 2.23
C TYR A 235 -14.90 -16.61 2.46
N LEU A 236 -15.70 -17.68 2.69
CA LEU A 236 -17.10 -17.52 3.05
C LEU A 236 -17.25 -17.52 4.57
N GLY A 237 -17.93 -16.50 5.08
CA GLY A 237 -18.07 -16.38 6.54
C GLY A 237 -19.35 -15.63 6.88
N SER A 238 -19.25 -14.84 7.96
CA SER A 238 -20.42 -14.34 8.65
C SER A 238 -20.29 -12.84 8.96
N LEU A 239 -21.44 -12.27 9.32
CA LEU A 239 -21.38 -10.99 10.03
C LEU A 239 -20.64 -11.20 11.35
N THR A 240 -19.98 -10.14 11.82
CA THR A 240 -19.18 -10.27 13.05
C THR A 240 -19.88 -9.65 14.25
N THR A 241 -21.13 -9.24 14.07
CA THR A 241 -21.98 -8.87 15.21
C THR A 241 -23.28 -9.66 15.14
N PRO A 242 -23.99 -9.85 16.26
CA PRO A 242 -25.25 -10.61 16.25
C PRO A 242 -26.19 -10.05 15.20
N PRO A 243 -26.93 -10.89 14.41
CA PRO A 243 -27.00 -12.34 14.60
C PRO A 243 -26.00 -13.20 13.80
N CYS A 244 -24.87 -12.59 13.44
CA CYS A 244 -23.74 -13.39 12.93
C CYS A 244 -24.15 -14.23 11.71
N THR A 245 -24.97 -13.65 10.82
CA THR A 245 -25.53 -14.41 9.70
C THR A 245 -24.43 -14.91 8.77
N GLU A 246 -24.50 -16.22 8.42
CA GLU A 246 -23.52 -16.86 7.55
C GLU A 246 -23.85 -16.70 6.07
N ASN A 247 -23.71 -15.43 5.61
CA ASN A 247 -24.08 -15.11 4.25
C ASN A 247 -23.14 -14.04 3.72
N VAL A 248 -21.89 -14.04 4.21
CA VAL A 248 -20.97 -12.97 3.81
C VAL A 248 -19.81 -13.55 3.01
N LEU A 249 -19.61 -13.00 1.78
CA LEU A 249 -18.40 -13.32 1.03
C LEU A 249 -17.36 -12.31 1.51
N TRP A 250 -16.29 -12.78 2.16
CA TRP A 250 -15.27 -11.91 2.76
C TRP A 250 -14.11 -11.70 1.80
N THR A 251 -13.62 -10.45 1.74
CA THR A 251 -12.36 -10.15 1.05
C THR A 251 -11.59 -9.28 2.05
N VAL A 252 -10.39 -9.70 2.44
CA VAL A 252 -9.62 -8.88 3.40
C VAL A 252 -8.29 -8.56 2.73
N PHE A 253 -8.05 -7.27 2.45
CA PHE A 253 -6.79 -6.93 1.78
C PHE A 253 -5.57 -7.05 2.69
N ILE A 254 -4.47 -7.59 2.13
CA ILE A 254 -3.30 -7.87 2.97
C ILE A 254 -2.51 -6.62 3.31
N ASP A 255 -2.38 -5.68 2.36
CA ASP A 255 -1.60 -4.49 2.62
C ASP A 255 -2.48 -3.44 3.32
N PRO A 256 -2.01 -2.82 4.43
CA PRO A 256 -2.82 -1.80 5.10
C PRO A 256 -2.72 -0.43 4.43
N VAL A 257 -3.77 0.38 4.61
CA VAL A 257 -3.64 1.80 4.32
C VAL A 257 -3.09 2.46 5.60
N LEU A 258 -2.72 3.75 5.49
CA LEU A 258 -1.92 4.36 6.57
C LEU A 258 -2.74 5.47 7.23
N ILE A 259 -2.58 5.56 8.57
CA ILE A 259 -3.18 6.62 9.40
C ILE A 259 -2.11 7.06 10.41
N THR A 260 -2.46 8.12 11.15
CA THR A 260 -1.59 8.59 12.22
C THR A 260 -2.20 8.23 13.59
N ARG A 261 -1.38 8.35 14.64
CA ARG A 261 -1.89 8.21 16.01
C ARG A 261 -2.98 9.24 16.31
N GLU A 262 -2.85 10.47 15.82
CA GLU A 262 -3.89 11.47 16.01
C GLU A 262 -5.24 10.99 15.47
N GLN A 263 -5.22 10.38 14.26
CA GLN A 263 -6.45 9.92 13.63
C GLN A 263 -7.06 8.73 14.39
N ILE A 264 -6.25 7.76 14.88
CA ILE A 264 -6.85 6.62 15.63
C ILE A 264 -7.48 7.17 16.92
N ASN A 265 -6.85 8.19 17.50
CA ASN A 265 -7.40 8.68 18.76
C ASN A 265 -8.75 9.38 18.57
N LEU A 266 -9.02 9.88 17.36
CA LEU A 266 -10.32 10.47 17.13
C LEU A 266 -11.43 9.45 17.36
N PHE A 267 -11.25 8.21 16.83
CA PHE A 267 -12.27 7.19 17.05
C PHE A 267 -12.44 6.91 18.53
N ARG A 268 -11.33 6.93 19.28
CA ARG A 268 -11.38 6.62 20.70
C ARG A 268 -12.15 7.70 21.49
N ASN A 269 -12.40 8.86 20.90
CA ASN A 269 -13.20 9.88 21.61
C ASN A 269 -14.69 9.58 21.61
N LEU A 270 -15.15 8.65 20.74
CA LEU A 270 -16.60 8.40 20.72
C LEU A 270 -17.00 7.66 21.99
N PRO A 271 -18.19 7.97 22.55
CA PRO A 271 -18.70 7.19 23.67
C PRO A 271 -19.41 5.92 23.22
N TYR A 272 -19.20 4.84 23.99
CA TYR A 272 -20.01 3.64 23.82
C TYR A 272 -21.48 3.90 24.18
N GLY A 273 -22.37 3.08 23.59
CA GLY A 273 -23.78 3.05 23.99
C GLY A 273 -23.94 2.56 25.42
N SER A 274 -25.14 2.72 25.97
CA SER A 274 -25.34 2.41 27.38
C SER A 274 -25.40 0.90 27.66
N ASN A 275 -25.43 0.04 26.64
CA ASN A 275 -25.28 -1.40 26.78
C ASN A 275 -23.88 -1.79 27.28
N GLU A 276 -22.89 -0.90 27.13
CA GLU A 276 -21.49 -1.29 27.33
C GLU A 276 -21.04 -0.94 28.76
N LYS A 277 -20.10 -1.74 29.30
CA LYS A 277 -19.45 -1.45 30.59
C LYS A 277 -18.46 -0.29 30.42
N GLN A 278 -17.67 -0.30 29.34
CA GLN A 278 -16.64 0.72 29.11
C GLN A 278 -17.30 2.02 28.62
N THR A 279 -16.78 3.17 29.06
CA THR A 279 -17.34 4.46 28.69
C THR A 279 -16.97 4.86 27.25
N ARG A 280 -15.68 4.92 26.97
CA ARG A 280 -15.23 5.39 25.63
C ARG A 280 -15.20 4.17 24.70
N MET A 281 -15.50 4.40 23.43
CA MET A 281 -15.61 3.29 22.46
C MET A 281 -14.20 2.82 22.06
N GLY A 282 -14.01 1.52 22.17
CA GLY A 282 -12.76 0.86 21.85
C GLY A 282 -12.87 -0.61 22.20
N ASP A 283 -11.99 -1.43 21.61
CA ASP A 283 -12.05 -2.88 21.68
C ASP A 283 -13.41 -3.39 21.22
N ASN A 284 -13.93 -2.75 20.18
CA ASN A 284 -15.20 -3.14 19.57
C ASN A 284 -14.93 -4.13 18.44
N PHE A 285 -14.26 -5.23 18.80
CA PHE A 285 -13.94 -6.31 17.87
C PHE A 285 -14.38 -7.64 18.48
N ARG A 286 -14.80 -8.58 17.62
CA ARG A 286 -15.19 -9.91 18.08
C ARG A 286 -13.94 -10.76 18.17
N PRO A 287 -13.82 -11.72 19.12
CA PRO A 287 -12.69 -12.64 19.13
C PRO A 287 -12.61 -13.51 17.88
N ILE A 288 -11.42 -14.00 17.62
CA ILE A 288 -11.12 -14.88 16.49
C ILE A 288 -11.92 -16.18 16.59
N GLN A 289 -12.48 -16.60 15.43
CA GLN A 289 -13.18 -17.86 15.27
C GLN A 289 -12.31 -18.80 14.46
N LEU A 290 -12.51 -20.12 14.62
CA LEU A 290 -11.76 -21.02 13.78
C LEU A 290 -12.33 -21.11 12.36
N LEU A 291 -11.46 -21.32 11.37
CA LEU A 291 -11.90 -21.62 10.01
C LEU A 291 -12.84 -22.84 10.03
N ASN A 292 -12.40 -23.89 10.73
CA ASN A 292 -13.21 -25.11 10.76
C ASN A 292 -13.32 -25.65 12.18
N PRO A 293 -14.31 -25.19 12.96
CA PRO A 293 -14.58 -25.78 14.28
C PRO A 293 -14.79 -27.29 14.17
N ILE A 294 -14.62 -28.00 15.30
CA ILE A 294 -14.59 -29.45 15.18
C ILE A 294 -15.96 -29.98 14.76
N ASP A 295 -17.04 -29.24 14.97
CA ASP A 295 -18.37 -29.74 14.66
C ASP A 295 -18.78 -29.40 13.21
N THR A 296 -17.86 -28.89 12.37
CA THR A 296 -18.29 -28.54 11.01
C THR A 296 -18.80 -29.78 10.25
N LEU A 297 -19.79 -29.52 9.37
CA LEU A 297 -20.28 -30.59 8.50
C LEU A 297 -19.77 -30.45 7.07
N ALA A 298 -19.04 -29.36 6.74
CA ALA A 298 -18.43 -29.31 5.41
C ALA A 298 -17.37 -28.21 5.54
N SER A 299 -16.10 -28.61 5.52
CA SER A 299 -15.02 -27.65 5.78
C SER A 299 -15.01 -26.54 4.74
N ARG A 300 -14.61 -25.34 5.22
CA ARG A 300 -14.39 -24.29 4.24
C ARG A 300 -12.88 -24.10 4.08
N THR A 301 -12.51 -23.44 2.97
CA THR A 301 -11.13 -23.21 2.61
C THR A 301 -10.88 -21.69 2.60
N LEU A 302 -9.69 -21.30 3.07
CA LEU A 302 -9.26 -19.91 3.00
C LEU A 302 -8.44 -19.74 1.72
N TYR A 303 -8.88 -18.82 0.85
CA TYR A 303 -8.24 -18.55 -0.44
C TYR A 303 -7.46 -17.24 -0.35
N ARG A 304 -6.48 -17.11 -1.25
CA ARG A 304 -5.68 -15.89 -1.37
C ARG A 304 -5.55 -15.54 -2.84
N ALA A 305 -5.45 -14.23 -3.13
CA ALA A 305 -5.37 -13.74 -4.48
C ALA A 305 -4.07 -12.94 -4.58
N THR A 306 -3.54 -12.84 -5.82
CA THR A 306 -2.44 -11.89 -6.09
C THR A 306 -2.52 -11.44 -7.56
N ALA A 307 -1.80 -10.35 -7.89
CA ALA A 307 -1.97 -9.81 -9.23
C ALA A 307 -1.41 -10.80 -10.25
N ARG A 308 -1.98 -10.71 -11.46
CA ARG A 308 -1.66 -11.50 -12.66
C ARG A 308 -0.24 -11.20 -13.15
N GLU B 33 35.74 13.25 -10.51
CA GLU B 33 34.88 12.37 -9.67
C GLU B 33 33.76 13.17 -8.99
N TRP B 34 32.84 12.43 -8.36
CA TRP B 34 31.69 13.08 -7.78
C TRP B 34 31.39 12.50 -6.40
N SER B 35 30.61 13.24 -5.65
CA SER B 35 30.20 12.79 -4.32
C SER B 35 28.87 13.44 -3.98
N TYR B 36 28.31 13.00 -2.84
CA TYR B 36 27.18 13.65 -2.22
C TYR B 36 27.60 14.65 -1.15
N THR B 37 28.70 14.38 -0.41
CA THR B 37 28.92 15.12 0.83
C THR B 37 30.17 15.99 0.81
N ASN B 38 31.00 15.86 -0.23
CA ASN B 38 32.22 16.66 -0.34
C ASN B 38 31.92 17.89 -1.19
N ILE B 39 32.03 19.05 -0.54
CA ILE B 39 31.69 20.35 -1.11
C ILE B 39 32.38 20.55 -2.46
N LEU B 40 33.53 19.88 -2.68
CA LEU B 40 34.33 20.09 -3.89
C LEU B 40 33.70 19.36 -5.07
N THR B 41 32.95 18.27 -4.78
CA THR B 41 32.53 17.39 -5.85
C THR B 41 31.04 17.05 -5.75
N GLY B 42 30.36 17.74 -4.83
CA GLY B 42 28.99 17.44 -4.41
C GLY B 42 27.96 17.87 -5.45
N PRO B 43 26.66 17.60 -5.21
CA PRO B 43 25.64 17.77 -6.25
C PRO B 43 25.50 19.18 -6.84
N GLU B 44 25.87 20.21 -6.05
CA GLU B 44 25.79 21.57 -6.58
C GLU B 44 26.87 21.82 -7.64
N THR B 45 27.85 20.94 -7.74
CA THR B 45 28.94 21.08 -8.71
C THR B 45 28.67 20.32 -9.99
N TRP B 46 27.67 19.40 -10.01
CA TRP B 46 27.59 18.49 -11.14
C TRP B 46 27.24 19.22 -12.45
N HIS B 47 26.47 20.31 -12.39
CA HIS B 47 26.08 21.01 -13.61
C HIS B 47 27.32 21.56 -14.32
N GLU B 48 28.35 21.89 -13.51
CA GLU B 48 29.62 22.40 -14.02
C GLU B 48 30.54 21.24 -14.38
N HIS B 49 30.69 20.25 -13.48
CA HIS B 49 31.61 19.16 -13.75
C HIS B 49 31.16 18.22 -14.86
N TYR B 50 29.83 18.07 -15.07
CA TYR B 50 29.28 17.11 -16.03
C TYR B 50 28.19 17.80 -16.84
N LYS B 51 28.56 18.84 -17.61
CA LYS B 51 27.60 19.65 -18.34
C LYS B 51 26.69 18.74 -19.15
N ASN B 52 27.28 17.75 -19.82
CA ASN B 52 26.53 16.73 -20.55
CA ASN B 52 26.58 16.72 -20.55
C ASN B 52 26.33 15.54 -19.61
N MET B 53 25.12 15.43 -18.98
CA MET B 53 23.89 16.21 -19.20
C MET B 53 23.37 16.79 -17.88
N CYS B 54 24.22 16.90 -16.83
CA CYS B 54 23.72 17.42 -15.55
C CYS B 54 23.31 18.89 -15.62
N SER B 55 23.66 19.60 -16.71
CA SER B 55 23.21 20.99 -16.87
C SER B 55 21.89 21.09 -17.63
N GLY B 56 21.20 19.97 -17.92
CA GLY B 56 20.03 20.01 -18.79
C GLY B 56 18.75 20.46 -18.09
N TYR B 57 17.65 20.36 -18.86
CA TYR B 57 16.37 20.80 -18.32
C TYR B 57 15.32 19.68 -18.36
N TYR B 58 15.81 18.43 -18.51
CA TYR B 58 14.95 17.26 -18.30
C TYR B 58 15.54 16.41 -17.17
N GLN B 59 15.88 17.04 -16.05
CA GLN B 59 16.60 16.34 -14.99
C GLN B 59 15.64 15.74 -13.94
N SER B 60 16.20 14.81 -13.16
CA SER B 60 15.52 14.14 -12.06
C SER B 60 16.44 14.23 -10.85
N PRO B 61 15.92 14.10 -9.61
CA PRO B 61 14.49 13.92 -9.35
C PRO B 61 13.71 15.23 -9.35
N ILE B 62 12.37 15.15 -9.27
CA ILE B 62 11.48 16.31 -9.25
C ILE B 62 10.51 16.15 -8.08
N ASP B 63 9.85 17.24 -7.74
CA ASP B 63 8.69 17.18 -6.84
C ASP B 63 7.49 16.66 -7.63
N LEU B 64 6.90 15.56 -7.15
CA LEU B 64 5.76 14.97 -7.82
C LEU B 64 4.49 15.57 -7.24
N LYS B 65 3.92 16.50 -8.01
CA LYS B 65 2.83 17.35 -7.55
C LYS B 65 1.49 16.77 -8.01
N THR B 66 0.72 16.27 -7.06
CA THR B 66 -0.53 15.63 -7.39
C THR B 66 -1.44 16.55 -8.18
N ASP B 67 -1.51 17.83 -7.77
CA ASP B 67 -2.46 18.79 -8.33
C ASP B 67 -1.97 19.28 -9.69
N ILE B 68 -0.65 19.32 -9.92
CA ILE B 68 -0.25 19.88 -11.20
C ILE B 68 -0.35 18.84 -12.33
N SER B 69 -0.23 17.56 -12.00
CA SER B 69 -0.05 16.43 -12.91
C SER B 69 -1.30 16.13 -13.73
N THR B 70 -1.09 15.44 -14.85
CA THR B 70 -2.17 15.07 -15.74
C THR B 70 -2.44 13.57 -15.59
N LEU B 71 -3.71 13.23 -15.27
CA LEU B 71 -4.08 11.83 -15.21
C LEU B 71 -4.14 11.24 -16.60
N ASP B 72 -3.49 10.09 -16.82
CA ASP B 72 -3.57 9.42 -18.10
C ASP B 72 -4.08 7.98 -17.87
N LEU B 73 -5.35 7.75 -18.25
CA LEU B 73 -5.96 6.47 -17.92
C LEU B 73 -5.43 5.33 -18.80
N LYS B 74 -4.65 5.63 -19.85
CA LYS B 74 -4.05 4.62 -20.69
C LYS B 74 -2.82 3.96 -20.08
N LEU B 75 -2.28 4.53 -18.98
CA LEU B 75 -1.07 3.99 -18.39
C LEU B 75 -1.48 2.80 -17.50
N LYS B 76 -0.94 1.64 -17.82
CA LYS B 76 -1.45 0.39 -17.25
C LYS B 76 -0.67 -0.01 -15.99
N THR B 77 -1.19 -1.07 -15.36
CA THR B 77 -0.56 -1.59 -14.15
C THR B 77 0.82 -2.11 -14.49
N VAL B 78 1.81 -1.87 -13.60
CA VAL B 78 3.16 -2.36 -13.84
C VAL B 78 3.25 -3.81 -13.36
N ILE B 79 3.94 -4.66 -14.14
CA ILE B 79 4.23 -6.04 -13.75
C ILE B 79 5.73 -6.27 -13.71
N ILE B 80 6.23 -6.94 -12.64
CA ILE B 80 7.61 -7.41 -12.65
C ILE B 80 7.57 -8.93 -12.63
N TYR B 81 8.41 -9.57 -13.47
CA TYR B 81 8.31 -11.02 -13.63
C TYR B 81 9.68 -11.61 -13.89
N ARG B 82 9.85 -12.92 -13.59
CA ARG B 82 11.16 -13.55 -13.62
C ARG B 82 11.18 -14.66 -14.68
N ASN B 83 12.35 -14.82 -15.25
CA ASN B 83 12.69 -15.93 -16.14
C ASN B 83 12.98 -17.10 -15.19
N THR B 84 12.10 -18.07 -15.15
CA THR B 84 12.23 -19.19 -14.22
C THR B 84 13.36 -20.17 -14.61
N SER B 85 13.92 -20.06 -15.82
CA SER B 85 15.04 -20.90 -16.24
C SER B 85 16.37 -20.32 -15.75
N SER B 86 16.33 -19.07 -15.29
CA SER B 86 17.56 -18.42 -14.86
C SER B 86 18.03 -19.00 -13.53
N THR B 87 19.34 -19.26 -13.40
CA THR B 87 19.87 -19.83 -12.16
C THR B 87 21.07 -19.04 -11.66
N GLU B 88 21.56 -18.07 -12.44
CA GLU B 88 22.73 -17.31 -12.03
C GLU B 88 22.47 -16.53 -10.73
N THR B 89 23.54 -16.28 -9.99
CA THR B 89 23.48 -15.67 -8.67
C THR B 89 23.25 -14.16 -8.76
N THR B 90 22.64 -13.59 -7.70
CA THR B 90 22.52 -12.14 -7.49
C THR B 90 23.63 -11.70 -6.55
N THR B 91 24.15 -10.47 -6.72
CA THR B 91 25.11 -9.92 -5.78
C THR B 91 24.64 -8.55 -5.30
N ILE B 92 25.29 -8.04 -4.26
CA ILE B 92 25.14 -6.66 -3.81
C ILE B 92 26.53 -6.09 -3.57
N GLN B 93 26.70 -4.81 -3.90
CA GLN B 93 27.96 -4.10 -3.79
C GLN B 93 27.76 -2.81 -3.01
N ASN B 94 28.73 -2.49 -2.14
CA ASN B 94 28.87 -1.14 -1.67
C ASN B 94 29.73 -0.43 -2.72
N ASN B 95 29.13 0.42 -3.56
CA ASN B 95 29.89 1.04 -4.64
C ASN B 95 30.50 2.37 -4.19
N GLY B 96 30.36 2.70 -2.90
CA GLY B 96 30.90 3.92 -2.36
C GLY B 96 29.91 5.08 -2.26
N HIS B 97 28.77 4.95 -2.96
CA HIS B 97 27.74 5.98 -2.91
C HIS B 97 26.36 5.37 -2.58
N SER B 98 26.20 4.05 -2.75
CA SER B 98 24.95 3.38 -2.45
C SER B 98 25.21 1.89 -2.24
N ALA B 99 24.17 1.17 -1.80
CA ALA B 99 24.15 -0.28 -1.83
C ALA B 99 23.41 -0.71 -3.08
N GLU B 100 24.08 -1.45 -3.96
CA GLU B 100 23.56 -1.70 -5.29
C GLU B 100 23.48 -3.23 -5.50
N VAL B 101 22.24 -3.73 -5.58
CA VAL B 101 21.99 -5.10 -5.99
C VAL B 101 22.22 -5.20 -7.50
N LYS B 102 23.04 -6.19 -7.91
CA LYS B 102 23.27 -6.41 -9.33
C LYS B 102 22.64 -7.74 -9.70
N PHE B 103 21.68 -7.69 -10.63
CA PHE B 103 20.98 -8.88 -11.05
C PHE B 103 21.71 -9.49 -12.23
N PRO B 104 21.64 -10.82 -12.39
CA PRO B 104 22.18 -11.46 -13.58
C PRO B 104 21.34 -11.02 -14.79
N ARG B 105 21.96 -11.05 -15.97
CA ARG B 105 21.28 -10.82 -17.23
C ARG B 105 20.15 -11.81 -17.43
N ASN B 106 19.12 -11.41 -18.19
CA ASN B 106 18.08 -12.30 -18.70
C ASN B 106 17.27 -12.94 -17.59
N THR B 107 17.04 -12.22 -16.48
CA THR B 107 16.43 -12.84 -15.31
C THR B 107 15.17 -12.11 -14.84
N TRP B 108 15.25 -10.79 -14.54
CA TRP B 108 14.09 -10.03 -14.08
C TRP B 108 13.69 -9.00 -15.14
N PHE B 109 12.38 -8.81 -15.28
CA PHE B 109 11.79 -7.98 -16.35
C PHE B 109 10.66 -7.13 -15.83
N ILE B 110 10.38 -6.01 -16.54
CA ILE B 110 9.21 -5.20 -16.29
C ILE B 110 8.35 -5.22 -17.55
N SER B 111 7.03 -5.23 -17.35
CA SER B 111 6.05 -5.05 -18.42
C SER B 111 5.14 -3.89 -18.03
N PHE B 112 5.04 -2.92 -18.95
CA PHE B 112 4.10 -1.85 -18.77
C PHE B 112 2.84 -2.05 -19.61
N ASP B 113 2.78 -3.12 -20.43
CA ASP B 113 1.68 -3.21 -21.37
C ASP B 113 0.88 -4.50 -21.19
N GLY B 114 1.16 -5.27 -20.11
CA GLY B 114 0.45 -6.53 -19.89
C GLY B 114 1.01 -7.74 -20.65
N ILE B 115 2.00 -7.53 -21.54
CA ILE B 115 2.59 -8.62 -22.29
C ILE B 115 3.93 -9.00 -21.65
N LEU B 116 4.21 -10.30 -21.53
CA LEU B 116 5.39 -10.75 -20.82
C LEU B 116 6.45 -11.15 -21.84
N ASP B 117 6.86 -10.16 -22.66
CA ASP B 117 7.71 -10.38 -23.83
C ASP B 117 9.06 -9.69 -23.72
N TYR B 118 9.51 -9.40 -22.48
CA TYR B 118 10.91 -9.05 -22.22
C TYR B 118 11.27 -7.67 -22.82
N LYS B 119 10.32 -6.73 -22.83
CA LYS B 119 10.61 -5.40 -23.40
C LYS B 119 11.59 -4.61 -22.53
N TYR B 120 11.48 -4.76 -21.21
CA TYR B 120 12.40 -4.05 -20.29
C TYR B 120 13.05 -5.11 -19.40
N GLU B 121 14.37 -5.09 -19.34
CA GLU B 121 15.13 -6.05 -18.55
C GLU B 121 15.81 -5.34 -17.38
N ILE B 122 15.60 -5.88 -16.16
CA ILE B 122 16.15 -5.26 -14.96
C ILE B 122 17.65 -5.58 -14.84
N ILE B 123 18.44 -4.54 -14.52
CA ILE B 123 19.89 -4.61 -14.38
C ILE B 123 20.28 -4.61 -12.89
N GLN B 124 19.75 -3.64 -12.13
CA GLN B 124 20.18 -3.45 -10.75
C GLN B 124 19.12 -2.72 -9.94
N MET B 125 19.29 -2.76 -8.61
CA MET B 125 18.44 -1.98 -7.74
C MET B 125 19.34 -1.32 -6.71
N HIS B 126 19.19 -0.02 -6.54
CA HIS B 126 19.97 0.59 -5.46
C HIS B 126 19.09 1.56 -4.67
N PHE B 127 19.69 2.18 -3.65
CA PHE B 127 18.89 2.82 -2.63
C PHE B 127 19.45 4.18 -2.33
N HIS B 128 18.58 5.06 -1.88
CA HIS B 128 18.91 6.41 -1.42
C HIS B 128 18.21 6.62 -0.09
N TRP B 129 18.96 7.10 0.93
CA TRP B 129 18.37 7.29 2.26
C TRP B 129 19.02 8.46 2.99
N GLY B 130 18.49 8.76 4.19
CA GLY B 130 18.89 9.93 4.94
C GLY B 130 19.72 9.54 6.16
N ASN B 131 20.43 10.55 6.69
CA ASN B 131 21.07 10.41 8.00
C ASN B 131 20.01 10.27 9.08
N THR B 132 18.83 10.86 8.87
CA THR B 132 17.71 10.83 9.80
C THR B 132 16.45 10.37 9.06
N ASP B 133 15.42 9.99 9.82
CA ASP B 133 14.25 9.34 9.23
C ASP B 133 13.36 10.32 8.47
N ASP B 134 13.61 11.63 8.60
CA ASP B 134 12.72 12.63 7.99
C ASP B 134 13.16 12.97 6.56
N ARG B 135 14.21 12.33 6.07
CA ARG B 135 14.67 12.59 4.71
C ARG B 135 15.36 11.35 4.14
N GLY B 136 15.65 11.38 2.81
CA GLY B 136 16.38 10.28 2.24
C GLY B 136 15.98 10.07 0.77
N SER B 137 14.69 10.25 0.48
CA SER B 137 14.25 9.95 -0.88
C SER B 137 14.78 11.01 -1.86
N GLU B 138 14.84 10.66 -3.15
CA GLU B 138 15.23 11.66 -4.15
C GLU B 138 14.01 12.45 -4.63
N HIS B 139 13.00 11.73 -5.16
CA HIS B 139 11.72 12.35 -5.42
C HIS B 139 11.03 12.73 -4.11
N THR B 140 10.22 13.77 -4.19
CA THR B 140 9.26 14.12 -3.13
C THR B 140 7.87 13.99 -3.69
N ILE B 141 6.88 13.73 -2.80
CA ILE B 141 5.50 13.72 -3.26
C ILE B 141 4.76 14.84 -2.54
N ASP B 142 4.37 15.87 -3.32
CA ASP B 142 3.79 17.09 -2.75
C ASP B 142 4.69 17.67 -1.65
N GLY B 143 6.00 17.64 -1.92
CA GLY B 143 6.99 18.22 -1.03
C GLY B 143 7.48 17.32 0.10
N PHE B 144 6.90 16.11 0.22
CA PHE B 144 7.22 15.23 1.35
C PHE B 144 8.34 14.26 1.00
N ARG B 145 9.34 14.16 1.88
CA ARG B 145 10.51 13.28 1.65
C ARG B 145 10.37 11.99 2.48
N PHE B 146 10.55 10.84 1.84
CA PHE B 146 10.46 9.54 2.50
C PHE B 146 11.83 9.17 3.05
N PRO B 147 11.93 8.22 4.01
CA PRO B 147 13.25 7.85 4.53
C PRO B 147 14.13 7.03 3.60
N LEU B 148 13.52 6.36 2.57
CA LEU B 148 14.30 5.47 1.72
C LEU B 148 13.56 5.41 0.37
N GLU B 149 14.31 5.59 -0.72
CA GLU B 149 13.77 5.39 -2.07
C GLU B 149 14.62 4.34 -2.74
N GLY B 150 13.97 3.27 -3.25
CA GLY B 150 14.70 2.29 -4.04
C GLY B 150 14.47 2.56 -5.53
N HIS B 151 15.52 2.31 -6.33
CA HIS B 151 15.40 2.47 -7.79
C HIS B 151 15.70 1.15 -8.47
N ILE B 152 14.70 0.60 -9.17
CA ILE B 152 14.90 -0.62 -9.96
C ILE B 152 15.17 -0.18 -11.40
N VAL B 153 16.41 -0.43 -11.83
CA VAL B 153 16.89 0.10 -13.11
C VAL B 153 16.79 -0.97 -14.17
N SER B 154 16.15 -0.62 -15.30
CA SER B 154 15.98 -1.56 -16.42
C SER B 154 16.43 -0.90 -17.72
N PHE B 155 16.79 -1.71 -18.73
CA PHE B 155 17.02 -1.16 -20.04
C PHE B 155 15.92 -1.64 -20.99
N ARG B 156 15.72 -0.88 -22.08
CA ARG B 156 14.70 -1.16 -23.05
C ARG B 156 15.23 -2.17 -24.07
N ARG B 157 15.20 -3.44 -23.62
CA ARG B 157 15.65 -4.60 -24.40
C ARG B 157 14.87 -4.70 -25.70
N GLN B 158 13.65 -4.17 -25.72
CA GLN B 158 12.83 -4.05 -26.93
C GLN B 158 13.64 -3.44 -28.08
N MET B 159 14.48 -2.44 -27.75
CA MET B 159 15.29 -1.74 -28.75
C MET B 159 16.77 -2.09 -28.67
N TYR B 160 17.34 -2.31 -27.47
CA TYR B 160 18.77 -2.33 -27.27
C TYR B 160 19.17 -3.71 -26.74
N SER B 161 20.27 -4.25 -27.26
CA SER B 161 20.72 -5.62 -26.99
C SER B 161 21.28 -5.78 -25.59
N SER B 162 21.89 -4.75 -25.01
CA SER B 162 22.55 -4.95 -23.72
C SER B 162 22.43 -3.69 -22.86
N PRO B 163 22.72 -3.79 -21.54
CA PRO B 163 22.75 -2.61 -20.69
C PRO B 163 23.75 -1.59 -21.23
N SER B 164 24.92 -2.06 -21.69
CA SER B 164 25.96 -1.09 -22.00
C SER B 164 25.61 -0.39 -23.33
N GLU B 165 24.81 -1.02 -24.18
CA GLU B 165 24.31 -0.33 -25.38
C GLU B 165 23.24 0.71 -25.00
N ALA B 166 22.40 0.42 -24.02
CA ALA B 166 21.25 1.26 -23.69
C ALA B 166 21.61 2.46 -22.81
N ILE B 167 22.56 2.29 -21.88
CA ILE B 167 22.84 3.23 -20.81
C ILE B 167 23.12 4.67 -21.33
N GLY B 168 23.75 4.79 -22.51
CA GLY B 168 24.07 6.09 -23.04
C GLY B 168 23.21 6.52 -24.21
N ARG B 169 22.16 5.76 -24.55
CA ARG B 169 21.48 6.02 -25.81
C ARG B 169 20.09 6.57 -25.57
N PRO B 170 19.47 7.28 -26.53
CA PRO B 170 18.15 7.87 -26.31
C PRO B 170 17.12 6.82 -25.94
N GLY B 171 16.32 7.17 -24.91
CA GLY B 171 15.23 6.29 -24.56
C GLY B 171 15.68 4.91 -24.03
N GLY B 172 16.94 4.80 -23.56
CA GLY B 172 17.50 3.47 -23.26
C GLY B 172 17.02 2.87 -21.94
N LEU B 173 16.53 3.70 -20.99
CA LEU B 173 16.37 3.21 -19.62
C LEU B 173 14.95 3.43 -19.11
N ALA B 174 14.50 2.56 -18.18
CA ALA B 174 13.25 2.79 -17.46
C ALA B 174 13.54 2.46 -15.98
N VAL B 175 13.24 3.39 -15.08
CA VAL B 175 13.54 3.18 -13.67
C VAL B 175 12.24 3.21 -12.87
N LEU B 176 12.08 2.24 -11.93
CA LEU B 176 10.94 2.32 -11.00
C LEU B 176 11.42 2.86 -9.67
N GLY B 177 10.68 3.82 -9.14
CA GLY B 177 10.98 4.36 -7.82
C GLY B 177 10.00 3.80 -6.80
N ILE B 178 10.55 3.20 -5.72
CA ILE B 178 9.71 2.61 -4.66
C ILE B 178 10.01 3.39 -3.38
N MET B 179 8.99 4.08 -2.87
CA MET B 179 9.13 4.76 -1.58
C MET B 179 8.91 3.77 -0.43
N HIS B 180 9.62 4.00 0.66
CA HIS B 180 9.51 3.19 1.87
C HIS B 180 9.14 4.12 3.02
N GLN B 181 8.24 3.66 3.90
CA GLN B 181 7.94 4.48 5.08
C GLN B 181 8.12 3.58 6.31
N ILE B 182 8.50 4.20 7.44
CA ILE B 182 8.79 3.47 8.67
C ILE B 182 7.51 3.32 9.49
N VAL B 183 7.28 2.06 9.97
CA VAL B 183 6.18 1.81 10.91
C VAL B 183 6.78 1.14 12.17
N GLU B 184 6.06 1.31 13.28
CA GLU B 184 6.50 0.72 14.55
C GLU B 184 5.96 -0.70 14.72
N SER B 185 4.79 -0.99 14.14
CA SER B 185 4.15 -2.30 14.38
C SER B 185 3.96 -3.05 13.06
N ILE B 186 4.70 -4.15 12.87
CA ILE B 186 4.59 -4.93 11.63
C ILE B 186 5.29 -6.28 11.79
N LYS B 187 4.73 -7.31 11.16
CA LYS B 187 5.46 -8.55 11.05
C LYS B 187 6.54 -8.45 9.97
N TYR B 188 7.71 -9.03 10.27
CA TYR B 188 8.80 -9.08 9.30
C TYR B 188 8.34 -9.41 7.88
N GLU B 189 7.47 -10.41 7.73
CA GLU B 189 7.08 -10.94 6.44
C GLU B 189 6.27 -9.92 5.64
N GLN B 190 5.78 -8.87 6.30
CA GLN B 190 5.00 -7.88 5.57
C GLN B 190 5.86 -6.65 5.29
N THR B 191 7.16 -6.69 5.68
CA THR B 191 8.00 -5.53 5.36
C THR B 191 8.73 -5.72 4.02
N ALA B 192 9.23 -4.62 3.44
CA ALA B 192 9.97 -4.75 2.20
C ALA B 192 11.21 -5.63 2.36
N PHE B 193 11.80 -5.67 3.59
CA PHE B 193 12.97 -6.50 3.77
C PHE B 193 12.69 -7.99 3.56
N LYS B 194 11.43 -8.42 3.75
CA LYS B 194 11.14 -9.81 3.39
C LYS B 194 11.37 -10.05 1.89
N ALA B 195 10.90 -9.11 1.04
CA ALA B 195 11.16 -9.21 -0.40
C ALA B 195 12.67 -9.19 -0.67
N TYR B 196 13.42 -8.41 0.10
CA TYR B 196 14.85 -8.30 -0.11
C TYR B 196 15.58 -9.50 0.50
N ASN B 197 14.84 -10.41 1.15
CA ASN B 197 15.42 -11.49 1.97
C ASN B 197 16.52 -10.96 2.90
N ASN B 198 16.26 -9.76 3.49
CA ASN B 198 17.13 -9.11 4.45
C ASN B 198 18.53 -8.83 3.86
N PHE B 199 18.66 -8.83 2.51
CA PHE B 199 19.96 -8.72 1.85
C PHE B 199 20.92 -9.80 2.40
N SER B 200 20.33 -10.92 2.83
CA SER B 200 21.08 -12.09 3.30
C SER B 200 22.02 -11.71 4.44
N GLY B 201 21.67 -10.67 5.21
CA GLY B 201 22.41 -10.29 6.39
C GLY B 201 23.77 -9.69 6.08
N VAL B 202 23.97 -9.27 4.83
CA VAL B 202 25.25 -8.79 4.35
C VAL B 202 25.54 -7.33 4.77
N LEU B 203 24.52 -6.54 5.12
CA LEU B 203 24.73 -5.14 5.47
C LEU B 203 25.36 -4.99 6.86
N ASN B 204 26.60 -4.48 6.94
CA ASN B 204 27.17 -4.10 8.23
C ASN B 204 28.31 -3.11 8.00
N SER B 205 28.94 -2.63 9.09
CA SER B 205 30.06 -1.68 9.07
C SER B 205 31.25 -2.15 8.26
N GLN B 206 31.43 -3.46 8.09
CA GLN B 206 32.60 -4.02 7.41
C GLN B 206 32.30 -4.25 5.94
N PHE B 207 31.07 -3.93 5.51
CA PHE B 207 30.77 -4.04 4.09
C PHE B 207 31.28 -2.80 3.38
N VAL B 208 32.59 -2.78 3.07
CA VAL B 208 33.27 -1.56 2.64
C VAL B 208 33.33 -1.50 1.11
N PRO B 209 33.42 -0.31 0.49
CA PRO B 209 33.53 -0.20 -0.96
C PRO B 209 34.90 -0.70 -1.39
N PRO B 210 35.06 -1.35 -2.57
CA PRO B 210 33.96 -1.60 -3.51
C PRO B 210 33.53 -3.06 -3.47
N ASN B 211 33.57 -3.66 -2.27
CA ASN B 211 33.28 -5.07 -2.05
C ASN B 211 31.88 -5.43 -2.53
N ASN B 212 31.74 -6.66 -3.00
CA ASN B 212 30.45 -7.23 -3.28
C ASN B 212 30.32 -8.57 -2.57
N SER B 213 29.08 -9.03 -2.42
CA SER B 213 28.79 -10.32 -1.81
C SER B 213 27.68 -10.99 -2.61
N THR B 214 27.74 -12.32 -2.78
CA THR B 214 26.59 -13.05 -3.26
C THR B 214 25.45 -12.92 -2.23
N ILE B 215 24.19 -12.85 -2.70
CA ILE B 215 23.06 -12.80 -1.78
C ILE B 215 21.94 -13.65 -2.37
N ASP B 216 20.96 -14.01 -1.51
CA ASP B 216 19.75 -14.67 -1.99
C ASP B 216 19.03 -13.71 -2.94
N ASP B 217 18.38 -14.27 -3.96
CA ASP B 217 17.72 -13.40 -4.93
C ASP B 217 16.63 -12.59 -4.23
N ILE B 218 16.37 -11.41 -4.80
CA ILE B 218 15.37 -10.49 -4.31
C ILE B 218 14.04 -10.90 -4.96
N ASN B 219 12.98 -11.02 -4.16
CA ASN B 219 11.70 -11.33 -4.76
C ASN B 219 10.99 -10.02 -5.15
N LEU B 220 11.33 -9.54 -6.36
CA LEU B 220 10.82 -8.24 -6.78
C LEU B 220 9.32 -8.28 -7.00
N ALA B 221 8.74 -9.43 -7.33
CA ALA B 221 7.29 -9.56 -7.48
C ALA B 221 6.56 -9.35 -6.15
N LEU B 222 7.09 -9.92 -5.06
CA LEU B 222 6.53 -9.67 -3.74
C LEU B 222 6.65 -8.19 -3.40
N LEU B 223 7.81 -7.58 -3.69
CA LEU B 223 7.99 -6.18 -3.34
C LEU B 223 6.89 -5.35 -3.98
N LEU B 224 6.66 -5.59 -5.29
CA LEU B 224 5.65 -4.81 -6.00
C LEU B 224 4.26 -5.04 -5.41
N SER B 225 4.00 -6.26 -4.91
CA SER B 225 2.69 -6.58 -4.33
C SER B 225 2.45 -5.85 -3.01
N LEU B 226 3.49 -5.28 -2.41
CA LEU B 226 3.35 -4.58 -1.12
C LEU B 226 2.81 -3.14 -1.32
N LEU B 227 2.73 -2.66 -2.57
CA LEU B 227 2.11 -1.37 -2.85
C LEU B 227 1.08 -1.55 -3.98
N ASN B 228 0.45 -0.46 -4.44
CA ASN B 228 -0.50 -0.54 -5.54
C ASN B 228 0.23 -0.29 -6.87
N PRO B 229 0.44 -1.31 -7.72
CA PRO B 229 1.29 -1.16 -8.91
C PRO B 229 0.59 -0.42 -10.06
N SER B 230 -0.66 0.01 -9.83
CA SER B 230 -1.43 0.80 -10.78
C SER B 230 -1.37 2.29 -10.51
N ARG B 231 -0.84 2.71 -9.34
CA ARG B 231 -0.95 4.09 -8.90
C ARG B 231 0.46 4.72 -8.83
N TYR B 232 0.82 5.54 -9.85
CA TYR B 232 2.18 6.02 -9.92
C TYR B 232 2.20 7.34 -10.69
N PHE B 233 3.29 8.10 -10.48
CA PHE B 233 3.61 9.22 -11.39
C PHE B 233 4.53 8.70 -12.50
N ARG B 234 4.47 9.36 -13.67
CA ARG B 234 5.21 8.93 -14.86
C ARG B 234 5.71 10.21 -15.57
N TYR B 235 7.01 10.23 -15.88
CA TYR B 235 7.51 11.38 -16.65
C TYR B 235 8.82 10.98 -17.30
N LEU B 236 9.30 11.80 -18.28
CA LEU B 236 10.62 11.61 -18.89
C LEU B 236 11.65 12.45 -18.15
N GLY B 237 12.72 11.78 -17.71
CA GLY B 237 13.74 12.48 -16.94
C GLY B 237 15.13 11.87 -17.16
N SER B 238 15.89 11.82 -16.07
CA SER B 238 17.34 11.59 -16.16
C SER B 238 17.82 10.61 -15.09
N LEU B 239 19.06 10.13 -15.27
CA LEU B 239 19.77 9.51 -14.16
C LEU B 239 19.95 10.57 -13.06
N THR B 240 19.98 10.11 -11.79
CA THR B 240 20.11 11.08 -10.69
C THR B 240 21.55 11.15 -10.16
N THR B 241 22.47 10.48 -10.84
CA THR B 241 23.90 10.66 -10.55
C THR B 241 24.59 10.99 -11.86
N PRO B 242 25.79 11.62 -11.81
CA PRO B 242 26.48 11.99 -13.05
C PRO B 242 26.67 10.76 -13.90
N PRO B 243 26.57 10.88 -15.25
CA PRO B 243 26.40 12.17 -15.94
C PRO B 243 24.94 12.60 -16.18
N CYS B 244 24.01 12.05 -15.38
CA CYS B 244 22.65 12.61 -15.36
C CYS B 244 21.97 12.52 -16.74
N THR B 245 22.22 11.41 -17.44
CA THR B 245 21.78 11.29 -18.83
C THR B 245 20.26 11.38 -18.92
N GLU B 246 19.76 12.16 -19.90
CA GLU B 246 18.33 12.41 -20.07
C GLU B 246 17.70 11.34 -20.97
N ASN B 247 17.67 10.10 -20.46
CA ASN B 247 17.14 8.98 -21.23
C ASN B 247 16.35 8.02 -20.35
N VAL B 248 15.74 8.54 -19.27
CA VAL B 248 15.07 7.65 -18.32
C VAL B 248 13.56 7.88 -18.37
N LEU B 249 12.81 6.78 -18.66
CA LEU B 249 11.37 6.79 -18.45
C LEU B 249 11.16 6.50 -16.96
N TRP B 250 10.63 7.49 -16.21
CA TRP B 250 10.46 7.35 -14.75
C TRP B 250 9.04 6.89 -14.41
N THR B 251 8.98 5.99 -13.39
CA THR B 251 7.70 5.59 -12.81
C THR B 251 7.93 5.62 -11.31
N VAL B 252 7.17 6.45 -10.58
CA VAL B 252 7.39 6.48 -9.13
C VAL B 252 6.03 6.12 -8.50
N PHE B 253 6.00 5.01 -7.72
CA PHE B 253 4.70 4.62 -7.16
C PHE B 253 4.32 5.52 -6.00
N ILE B 254 3.02 5.85 -5.92
CA ILE B 254 2.56 6.80 -4.92
C ILE B 254 2.49 6.18 -3.52
N ASP B 255 2.09 4.91 -3.46
CA ASP B 255 1.96 4.31 -2.13
C ASP B 255 3.30 3.72 -1.71
N PRO B 256 3.76 3.97 -0.47
CA PRO B 256 5.03 3.39 -0.03
C PRO B 256 4.88 1.95 0.45
N VAL B 257 5.96 1.18 0.34
CA VAL B 257 6.06 -0.10 1.07
C VAL B 257 6.57 0.21 2.48
N LEU B 258 6.53 -0.78 3.40
CA LEU B 258 6.80 -0.50 4.82
C LEU B 258 8.06 -1.21 5.32
N ILE B 259 8.79 -0.49 6.21
CA ILE B 259 9.98 -1.02 6.85
C ILE B 259 9.96 -0.57 8.31
N THR B 260 10.91 -1.11 9.10
CA THR B 260 11.07 -0.68 10.48
C THR B 260 12.30 0.22 10.61
N ARG B 261 12.39 0.86 11.78
CA ARG B 261 13.55 1.67 12.13
C ARG B 261 14.82 0.81 12.16
N GLU B 262 14.72 -0.42 12.68
CA GLU B 262 15.87 -1.30 12.67
C GLU B 262 16.36 -1.57 11.25
N GLN B 263 15.44 -1.65 10.28
CA GLN B 263 15.83 -1.98 8.93
C GLN B 263 16.54 -0.79 8.27
N ILE B 264 16.01 0.42 8.44
CA ILE B 264 16.64 1.61 7.84
C ILE B 264 18.04 1.75 8.44
N ASN B 265 18.16 1.42 9.73
CA ASN B 265 19.49 1.54 10.33
C ASN B 265 20.55 0.63 9.74
N LEU B 266 20.15 -0.50 9.17
CA LEU B 266 21.08 -1.41 8.51
C LEU B 266 21.85 -0.71 7.38
N PHE B 267 21.17 0.17 6.60
CA PHE B 267 21.86 0.85 5.51
C PHE B 267 22.86 1.87 6.08
N ARG B 268 22.50 2.51 7.20
CA ARG B 268 23.29 3.60 7.78
C ARG B 268 24.60 3.11 8.38
N ASN B 269 24.78 1.79 8.54
CA ASN B 269 26.04 1.22 9.03
C ASN B 269 27.08 1.16 7.91
N LEU B 270 26.66 1.26 6.63
CA LEU B 270 27.60 1.15 5.54
C LEU B 270 28.50 2.38 5.58
N PRO B 271 29.81 2.21 5.31
CA PRO B 271 30.70 3.35 5.12
C PRO B 271 30.63 3.93 3.70
N TYR B 272 30.68 5.26 3.62
CA TYR B 272 30.89 5.97 2.37
C TYR B 272 32.30 5.71 1.82
N GLY B 273 32.45 5.85 0.50
CA GLY B 273 33.76 5.78 -0.16
C GLY B 273 34.65 6.95 0.22
N SER B 274 35.94 6.89 -0.15
CA SER B 274 36.94 7.81 0.38
C SER B 274 36.71 9.25 -0.10
N ASN B 275 36.03 9.40 -1.24
CA ASN B 275 35.91 10.72 -1.84
C ASN B 275 34.77 11.53 -1.20
N GLU B 276 34.10 10.93 -0.20
CA GLU B 276 33.04 11.61 0.54
C GLU B 276 33.64 12.21 1.81
N LYS B 277 33.03 13.27 2.31
CA LYS B 277 33.46 13.85 3.57
C LYS B 277 32.86 13.06 4.73
N GLN B 278 31.58 12.66 4.61
CA GLN B 278 30.89 12.02 5.72
C GLN B 278 31.38 10.58 5.80
N THR B 279 31.51 10.02 7.02
CA THR B 279 32.01 8.66 7.13
C THR B 279 30.93 7.60 6.84
N ARG B 280 29.80 7.69 7.55
CA ARG B 280 28.73 6.71 7.41
C ARG B 280 27.88 7.10 6.21
N MET B 281 27.49 6.09 5.40
CA MET B 281 26.66 6.33 4.22
C MET B 281 25.26 6.82 4.60
N GLY B 282 24.88 7.93 4.01
CA GLY B 282 23.57 8.53 4.25
C GLY B 282 23.51 9.90 3.57
N ASP B 283 22.29 10.40 3.37
CA ASP B 283 22.03 11.62 2.59
C ASP B 283 22.60 11.48 1.17
N ASN B 284 22.53 10.26 0.64
CA ASN B 284 22.97 9.93 -0.70
C ASN B 284 21.80 10.13 -1.68
N PHE B 285 21.31 11.36 -1.73
CA PHE B 285 20.24 11.76 -2.64
C PHE B 285 20.61 13.11 -3.30
N ARG B 286 20.14 13.28 -4.54
CA ARG B 286 20.37 14.52 -5.27
C ARG B 286 19.28 15.51 -4.90
N PRO B 287 19.55 16.84 -4.87
CA PRO B 287 18.52 17.85 -4.68
C PRO B 287 17.48 17.84 -5.80
N ILE B 288 16.32 18.37 -5.44
CA ILE B 288 15.16 18.46 -6.31
C ILE B 288 15.48 19.37 -7.50
N GLN B 289 15.09 18.91 -8.70
CA GLN B 289 15.19 19.68 -9.92
C GLN B 289 13.79 20.15 -10.34
N LEU B 290 13.72 21.26 -11.12
CA LEU B 290 12.43 21.71 -11.66
C LEU B 290 11.93 20.85 -12.82
N LEU B 291 10.61 20.65 -12.89
CA LEU B 291 10.05 19.98 -14.06
C LEU B 291 10.41 20.76 -15.35
N ASN B 292 10.27 22.09 -15.31
CA ASN B 292 10.54 22.89 -16.52
C ASN B 292 11.35 24.13 -16.12
N PRO B 293 12.68 24.00 -16.04
CA PRO B 293 13.54 25.18 -15.88
C PRO B 293 13.29 26.16 -17.03
N ILE B 294 13.70 27.41 -16.77
CA ILE B 294 13.30 28.53 -17.62
C ILE B 294 13.87 28.42 -19.03
N ASP B 295 14.92 27.63 -19.20
CA ASP B 295 15.58 27.51 -20.49
C ASP B 295 15.06 26.33 -21.32
N THR B 296 14.02 25.63 -20.83
CA THR B 296 13.53 24.50 -21.64
C THR B 296 13.05 24.98 -23.04
N LEU B 297 13.26 24.11 -24.05
CA LEU B 297 12.82 24.41 -25.39
C LEU B 297 11.59 23.56 -25.73
N ALA B 298 11.21 22.65 -24.82
CA ALA B 298 9.93 21.96 -25.05
C ALA B 298 9.54 21.38 -23.69
N SER B 299 8.48 21.95 -23.11
CA SER B 299 8.12 21.58 -21.75
C SER B 299 7.75 20.10 -21.63
N ARG B 300 8.08 19.54 -20.48
CA ARG B 300 7.59 18.18 -20.24
C ARG B 300 6.40 18.26 -19.28
N THR B 301 5.63 17.16 -19.33
CA THR B 301 4.41 17.06 -18.51
C THR B 301 4.60 15.90 -17.52
N LEU B 302 4.16 16.15 -16.27
CA LEU B 302 4.13 15.06 -15.27
C LEU B 302 2.76 14.35 -15.37
N TYR B 303 2.77 13.02 -15.58
CA TYR B 303 1.54 12.25 -15.70
C TYR B 303 1.33 11.44 -14.42
N ARG B 304 0.07 11.02 -14.21
CA ARG B 304 -0.28 10.16 -13.08
C ARG B 304 -1.13 9.02 -13.63
N ALA B 305 -1.03 7.82 -13.00
CA ALA B 305 -1.82 6.65 -13.43
C ALA B 305 -2.64 6.19 -12.22
N THR B 306 -3.78 5.55 -12.49
CA THR B 306 -4.52 4.90 -11.39
C THR B 306 -5.33 3.74 -11.98
N ALA B 307 -5.84 2.84 -11.12
CA ALA B 307 -6.46 1.62 -11.63
C ALA B 307 -7.77 1.99 -12.33
N ARG B 308 -8.09 1.17 -13.37
CA ARG B 308 -9.31 1.18 -14.17
C ARG B 308 -10.52 0.99 -13.25
#